data_6Q10
#
_entry.id   6Q10
#
_cell.length_a   42.310
_cell.length_b   46.570
_cell.length_c   69.570
_cell.angle_alpha   90.000
_cell.angle_beta   90.000
_cell.angle_gamma   90.000
#
_symmetry.space_group_name_H-M   'P 21 21 21'
#
loop_
_entity.id
_entity.type
_entity.pdbx_description
1 polymer MymaA.19257.a.B3
2 non-polymer 1,2-ETHANEDIOL
3 water water
#
_entity_poly.entity_id   1
_entity_poly.type   'polypeptide(L)'
_entity_poly.pdbx_seq_one_letter_code
;MAHHHHHHKLGERVSRTEMTDVTPAQLGETKVRVLNASGRGGQAADVAGALKDLGFTQPTAANDPVYADTRLDCQGQIRF
GTAGQATAAAVWLVAPCTELFNDGRADDSVDLVLGTDFTTLAHNDDIDAVLSSLRPGATQPPDPTLIAKIHASSC
;
_entity_poly.pdbx_strand_id   A
#
loop_
_chem_comp.id
_chem_comp.type
_chem_comp.name
_chem_comp.formula
EDO non-polymer 1,2-ETHANEDIOL 'C2 H6 O2'
#
# COMPACT_ATOMS: atom_id res chain seq x y z
N HIS A 8 -9.95 -6.33 15.68
CA HIS A 8 -9.41 -7.17 16.74
C HIS A 8 -7.89 -7.09 16.79
N LYS A 9 -7.23 -8.25 16.74
CA LYS A 9 -5.77 -8.31 16.73
C LYS A 9 -5.29 -8.16 15.29
N LEU A 10 -4.72 -6.99 14.97
CA LEU A 10 -4.14 -6.70 13.67
C LEU A 10 -2.63 -6.88 13.63
N GLY A 11 -2.04 -7.25 14.76
CA GLY A 11 -0.60 -7.39 14.82
C GLY A 11 0.08 -6.11 15.26
N GLU A 12 1.32 -5.95 14.86
CA GLU A 12 2.17 -4.90 15.40
C GLU A 12 2.07 -3.66 14.51
N ARG A 13 1.77 -2.51 15.11
CA ARG A 13 1.80 -1.26 14.36
C ARG A 13 3.24 -0.93 13.99
N VAL A 14 3.50 -0.69 12.71
CA VAL A 14 4.84 -0.40 12.23
C VAL A 14 4.97 1.11 12.06
N SER A 15 6.05 1.70 12.57
CA SER A 15 6.20 3.14 12.56
C SER A 15 6.57 3.67 11.17
N ARG A 16 6.17 4.91 10.91
CA ARG A 16 6.64 5.61 9.72
C ARG A 16 8.16 5.56 9.63
N THR A 17 8.82 5.74 10.77
CA THR A 17 10.28 5.77 10.78
C THR A 17 10.86 4.46 10.27
N GLU A 18 10.35 3.35 10.78
CA GLU A 18 10.86 2.06 10.36
C GLU A 18 10.55 1.80 8.89
N MET A 19 9.33 2.09 8.45
CA MET A 19 9.00 1.73 7.08
C MET A 19 9.69 2.61 6.05
N THR A 20 10.03 3.86 6.41
CA THR A 20 10.72 4.72 5.45
C THR A 20 12.05 4.14 5.02
N ASP A 21 12.66 3.30 5.85
CA ASP A 21 13.95 2.71 5.51
C ASP A 21 13.84 1.45 4.67
N VAL A 22 12.63 0.97 4.36
CA VAL A 22 12.46 -0.23 3.57
C VAL A 22 12.50 0.13 2.08
N THR A 23 13.33 -0.57 1.32
CA THR A 23 13.34 -0.36 -0.13
C THR A 23 12.09 -0.96 -0.74
N PRO A 24 11.26 -0.18 -1.44
CA PRO A 24 10.03 -0.74 -2.01
C PRO A 24 10.34 -1.79 -3.06
N ALA A 25 9.44 -2.76 -3.15
CA ALA A 25 9.49 -3.82 -4.14
C ALA A 25 9.29 -3.29 -5.56
N GLN A 26 9.85 -4.01 -6.53
CA GLN A 26 9.41 -3.85 -7.91
C GLN A 26 7.92 -4.15 -8.02
N LEU A 27 7.18 -3.27 -8.71
CA LEU A 27 5.73 -3.39 -8.72
C LEU A 27 5.26 -4.73 -9.31
N GLY A 28 6.00 -5.24 -10.28
CA GLY A 28 5.69 -6.50 -10.93
C GLY A 28 6.08 -7.72 -10.15
N GLU A 29 6.52 -7.53 -8.92
CA GLU A 29 6.95 -8.60 -8.04
C GLU A 29 6.16 -8.54 -6.74
N THR A 30 4.93 -8.04 -6.82
CA THR A 30 4.10 -7.84 -5.63
C THR A 30 2.88 -8.75 -5.68
N LYS A 31 2.30 -8.99 -4.50
CA LYS A 31 1.09 -9.79 -4.34
C LYS A 31 0.16 -9.00 -3.42
N VAL A 32 -0.64 -8.11 -4.00
CA VAL A 32 -1.51 -7.20 -3.24
C VAL A 32 -2.98 -7.61 -3.35
N ARG A 33 -3.67 -7.55 -2.23
CA ARG A 33 -5.12 -7.74 -2.14
C ARG A 33 -5.70 -6.42 -1.67
N VAL A 34 -6.69 -5.89 -2.38
CA VAL A 34 -7.40 -4.69 -1.95
C VAL A 34 -8.69 -5.13 -1.27
N LEU A 35 -8.87 -4.71 -0.02
CA LEU A 35 -10.00 -5.14 0.80
C LEU A 35 -10.86 -3.93 1.13
N ASN A 36 -12.14 -4.03 0.85
CA ASN A 36 -13.07 -2.94 1.13
CA ASN A 36 -13.10 -2.96 1.13
C ASN A 36 -13.50 -2.99 2.59
N ALA A 37 -13.17 -1.94 3.32
CA ALA A 37 -13.71 -1.69 4.65
C ALA A 37 -14.34 -0.31 4.70
N SER A 38 -14.72 0.21 3.52
CA SER A 38 -15.15 1.59 3.38
C SER A 38 -16.65 1.74 3.28
N GLY A 39 -17.35 0.70 2.85
CA GLY A 39 -18.76 0.80 2.61
C GLY A 39 -19.13 1.40 1.28
N ARG A 40 -18.14 1.70 0.44
CA ARG A 40 -18.38 2.28 -0.88
C ARG A 40 -18.30 1.17 -1.91
N GLY A 41 -19.44 0.86 -2.53
CA GLY A 41 -19.50 -0.29 -3.42
C GLY A 41 -18.51 -0.16 -4.58
N GLY A 42 -17.86 -1.27 -4.89
CA GLY A 42 -16.91 -1.33 -5.98
C GLY A 42 -15.59 -0.64 -5.72
N GLN A 43 -15.37 -0.06 -4.54
CA GLN A 43 -14.15 0.71 -4.36
C GLN A 43 -12.90 -0.16 -4.39
N ALA A 44 -12.95 -1.37 -3.81
CA ALA A 44 -11.76 -2.21 -3.86
C ALA A 44 -11.42 -2.59 -5.29
N ALA A 45 -12.43 -2.89 -6.11
CA ALA A 45 -12.16 -3.22 -7.50
C ALA A 45 -11.56 -2.03 -8.25
N ASP A 46 -12.09 -0.82 -7.97
CA ASP A 46 -11.57 0.38 -8.61
C ASP A 46 -10.10 0.59 -8.26
N VAL A 47 -9.76 0.44 -6.97
CA VAL A 47 -8.39 0.69 -6.55
C VAL A 47 -7.46 -0.41 -7.06
N ALA A 48 -7.92 -1.66 -7.03
CA ALA A 48 -7.13 -2.75 -7.61
C ALA A 48 -6.81 -2.48 -9.08
N GLY A 49 -7.78 -1.97 -9.83
CA GLY A 49 -7.53 -1.61 -11.22
C GLY A 49 -6.55 -0.47 -11.34
N ALA A 50 -6.66 0.53 -10.45
CA ALA A 50 -5.74 1.66 -10.50
C ALA A 50 -4.31 1.22 -10.19
N LEU A 51 -4.14 0.29 -9.25
CA LEU A 51 -2.83 -0.28 -8.95
C LEU A 51 -2.28 -1.05 -10.15
N LYS A 52 -3.13 -1.87 -10.78
CA LYS A 52 -2.68 -2.57 -11.99
C LYS A 52 -2.20 -1.58 -13.04
N ASP A 53 -2.92 -0.47 -13.22
CA ASP A 53 -2.52 0.51 -14.23
C ASP A 53 -1.16 1.12 -13.93
N LEU A 54 -0.79 1.22 -12.65
CA LEU A 54 0.52 1.73 -12.25
C LEU A 54 1.63 0.71 -12.43
N GLY A 55 1.31 -0.54 -12.67
CA GLY A 55 2.33 -1.54 -12.85
C GLY A 55 2.36 -2.62 -11.79
N PHE A 56 1.50 -2.57 -10.76
CA PHE A 56 1.44 -3.65 -9.79
C PHE A 56 0.86 -4.89 -10.46
N THR A 57 1.45 -6.05 -10.19
CA THR A 57 0.83 -7.30 -10.61
C THR A 57 -0.62 -7.29 -10.18
N GLN A 58 -1.51 -7.69 -11.09
CA GLN A 58 -2.94 -7.50 -10.89
CA GLN A 58 -2.94 -7.51 -10.89
C GLN A 58 -3.38 -7.81 -9.46
N PRO A 59 -3.80 -6.82 -8.71
CA PRO A 59 -4.25 -7.08 -7.34
C PRO A 59 -5.63 -7.70 -7.33
N THR A 60 -5.94 -8.34 -6.22
CA THR A 60 -7.27 -8.92 -6.04
C THR A 60 -8.16 -7.88 -5.36
N ALA A 61 -9.46 -8.11 -5.36
CA ALA A 61 -10.37 -7.16 -4.70
C ALA A 61 -11.50 -7.90 -4.03
N ALA A 62 -11.70 -7.60 -2.75
CA ALA A 62 -12.74 -8.30 -1.99
C ALA A 62 -13.17 -7.44 -0.80
N ASN A 63 -14.03 -7.99 0.04
CA ASN A 63 -14.40 -7.31 1.28
C ASN A 63 -13.44 -7.68 2.40
N ASP A 64 -13.21 -6.75 3.32
CA ASP A 64 -12.36 -7.03 4.48
C ASP A 64 -13.11 -7.82 5.55
N PRO A 65 -12.65 -9.02 5.93
CA PRO A 65 -13.35 -9.75 6.99
C PRO A 65 -13.10 -9.20 8.39
N VAL A 66 -12.02 -8.44 8.60
CA VAL A 66 -11.72 -7.97 9.95
C VAL A 66 -12.73 -6.91 10.37
N TYR A 67 -12.89 -5.88 9.55
CA TYR A 67 -13.86 -4.81 9.81
C TYR A 67 -15.18 -5.08 9.07
N ALA A 68 -15.66 -6.32 9.15
CA ALA A 68 -16.87 -6.69 8.42
C ALA A 68 -18.12 -6.06 9.02
N ASP A 69 -18.16 -5.85 10.33
CA ASP A 69 -19.39 -5.39 10.98
C ASP A 69 -19.38 -3.91 11.33
N THR A 70 -18.20 -3.31 11.38
CA THR A 70 -18.01 -1.88 11.52
C THR A 70 -17.03 -1.44 10.44
N ARG A 71 -17.33 -0.34 9.76
CA ARG A 71 -16.38 0.15 8.78
C ARG A 71 -15.16 0.74 9.48
N LEU A 72 -14.07 0.80 8.74
CA LEU A 72 -12.79 1.26 9.25
C LEU A 72 -12.75 2.78 9.07
N ASP A 73 -12.74 3.53 10.17
CA ASP A 73 -12.99 4.98 10.10
C ASP A 73 -11.66 5.75 10.04
N CYS A 74 -11.01 5.64 8.90
CA CYS A 74 -9.75 6.33 8.59
C CYS A 74 -9.48 6.08 7.12
N GLN A 75 -8.30 6.50 6.64
CA GLN A 75 -7.95 6.23 5.24
C GLN A 75 -7.86 4.73 4.97
N GLY A 76 -7.25 3.97 5.88
CA GLY A 76 -7.16 2.54 5.69
C GLY A 76 -5.92 1.97 6.35
N GLN A 77 -5.60 0.74 5.98
CA GLN A 77 -4.49 0.01 6.60
C GLN A 77 -3.72 -0.72 5.52
N ILE A 78 -2.44 -0.96 5.77
CA ILE A 78 -1.65 -1.90 4.96
C ILE A 78 -1.19 -2.99 5.90
N ARG A 79 -1.62 -4.23 5.62
CA ARG A 79 -1.35 -5.38 6.49
C ARG A 79 -0.42 -6.33 5.77
N PHE A 80 0.60 -6.81 6.47
CA PHE A 80 1.65 -7.60 5.81
C PHE A 80 2.39 -8.39 6.87
N GLY A 81 3.18 -9.36 6.41
CA GLY A 81 4.15 -10.03 7.23
C GLY A 81 5.55 -9.57 6.82
N THR A 82 6.54 -10.07 7.57
CA THR A 82 7.89 -9.60 7.33
C THR A 82 8.34 -9.87 5.89
N ALA A 83 7.96 -11.02 5.33
CA ALA A 83 8.33 -11.31 3.95
C ALA A 83 7.71 -10.33 2.96
N GLY A 84 6.65 -9.64 3.34
CA GLY A 84 5.98 -8.77 2.42
C GLY A 84 6.30 -7.32 2.64
N GLN A 85 7.30 -7.01 3.47
CA GLN A 85 7.48 -5.61 3.86
C GLN A 85 7.87 -4.73 2.67
N ALA A 86 8.64 -5.24 1.69
CA ALA A 86 8.97 -4.39 0.55
C ALA A 86 7.76 -4.11 -0.32
N THR A 87 6.85 -5.10 -0.46
CA THR A 87 5.61 -4.81 -1.15
C THR A 87 4.80 -3.78 -0.40
N ALA A 88 4.72 -3.91 0.93
CA ALA A 88 3.97 -2.93 1.69
C ALA A 88 4.56 -1.53 1.51
N ALA A 89 5.90 -1.44 1.41
CA ALA A 89 6.54 -0.14 1.21
C ALA A 89 6.12 0.45 -0.12
N ALA A 90 6.00 -0.40 -1.16
CA ALA A 90 5.56 0.06 -2.46
C ALA A 90 4.12 0.56 -2.41
N VAL A 91 3.23 -0.23 -1.78
CA VAL A 91 1.84 0.21 -1.63
C VAL A 91 1.77 1.52 -0.84
N TRP A 92 2.62 1.66 0.18
CA TRP A 92 2.55 2.85 1.02
C TRP A 92 2.89 4.14 0.27
N LEU A 93 3.66 4.03 -0.83
CA LEU A 93 3.91 5.20 -1.66
C LEU A 93 2.62 5.79 -2.20
N VAL A 94 1.67 4.95 -2.61
CA VAL A 94 0.45 5.44 -3.25
C VAL A 94 -0.72 5.46 -2.28
N ALA A 95 -0.57 4.90 -1.08
CA ALA A 95 -1.56 5.03 -0.01
C ALA A 95 -0.86 5.53 1.26
N PRO A 96 -0.28 6.72 1.20
CA PRO A 96 0.66 7.12 2.28
C PRO A 96 0.02 7.43 3.60
N CYS A 97 -1.31 7.59 3.67
CA CYS A 97 -1.92 8.00 4.93
C CYS A 97 -2.63 6.83 5.60
N THR A 98 -2.33 5.62 5.17
CA THR A 98 -2.82 4.40 5.83
C THR A 98 -1.91 4.03 7.00
N GLU A 99 -2.47 3.23 7.91
CA GLU A 99 -1.75 2.70 9.07
C GLU A 99 -1.14 1.36 8.69
N LEU A 100 0.10 1.13 9.13
CA LEU A 100 0.86 -0.08 8.80
C LEU A 100 0.80 -1.09 9.93
N PHE A 101 0.47 -2.35 9.59
CA PHE A 101 0.42 -3.44 10.57
C PHE A 101 1.16 -4.66 10.04
N ASN A 102 2.08 -5.18 10.86
CA ASN A 102 2.69 -6.48 10.58
C ASN A 102 1.88 -7.52 11.35
N ASP A 103 1.09 -8.31 10.64
CA ASP A 103 0.17 -9.23 11.29
C ASP A 103 0.76 -10.64 11.41
N GLY A 104 2.04 -10.79 11.12
CA GLY A 104 2.71 -12.04 11.39
C GLY A 104 2.49 -13.10 10.36
N ARG A 105 1.84 -12.79 9.24
CA ARG A 105 1.62 -13.81 8.22
C ARG A 105 2.96 -14.30 7.66
N ALA A 106 2.95 -15.55 7.17
CA ALA A 106 4.19 -16.20 6.76
C ALA A 106 4.52 -15.99 5.29
N ASP A 107 3.56 -15.54 4.48
CA ASP A 107 3.81 -15.36 3.06
C ASP A 107 4.08 -13.89 2.76
N ASP A 108 4.24 -13.58 1.47
CA ASP A 108 4.64 -12.24 1.06
C ASP A 108 3.46 -11.39 0.58
N SER A 109 2.24 -11.84 0.83
CA SER A 109 1.08 -11.08 0.39
C SER A 109 0.90 -9.86 1.28
N VAL A 110 0.25 -8.85 0.70
CA VAL A 110 -0.03 -7.61 1.40
C VAL A 110 -1.48 -7.22 1.15
N ASP A 111 -2.19 -6.80 2.22
CA ASP A 111 -3.55 -6.33 2.07
C ASP A 111 -3.57 -4.80 2.19
N LEU A 112 -4.11 -4.12 1.18
CA LEU A 112 -4.43 -2.69 1.24
C LEU A 112 -5.90 -2.60 1.60
N VAL A 113 -6.19 -2.13 2.82
CA VAL A 113 -7.54 -2.10 3.35
C VAL A 113 -8.06 -0.68 3.25
N LEU A 114 -9.14 -0.49 2.49
CA LEU A 114 -9.68 0.85 2.26
C LEU A 114 -10.64 1.18 3.37
N GLY A 115 -10.37 2.28 4.08
CA GLY A 115 -11.30 2.78 5.07
C GLY A 115 -12.30 3.76 4.48
N THR A 116 -13.22 4.19 5.35
CA THR A 116 -14.32 5.05 4.89
C THR A 116 -13.83 6.33 4.26
N ASP A 117 -12.63 6.78 4.65
CA ASP A 117 -12.10 8.05 4.21
C ASP A 117 -11.24 7.97 2.96
N PHE A 118 -10.88 6.77 2.52
CA PHE A 118 -10.10 6.64 1.31
C PHE A 118 -10.84 7.24 0.12
N THR A 119 -10.11 7.97 -0.73
CA THR A 119 -10.68 8.47 -1.98
C THR A 119 -9.94 7.87 -3.16
N THR A 120 -8.72 8.32 -3.44
CA THR A 120 -7.94 7.85 -4.57
C THR A 120 -6.50 7.56 -4.14
N LEU A 121 -5.80 6.79 -4.95
CA LEU A 121 -4.36 6.64 -4.76
C LEU A 121 -3.67 8.01 -4.89
N ALA A 122 -2.57 8.15 -4.17
CA ALA A 122 -1.80 9.38 -4.22
C ALA A 122 -0.89 9.39 -5.43
N HIS A 123 -0.70 10.57 -5.98
CA HIS A 123 0.27 10.72 -7.06
C HIS A 123 0.75 12.16 -7.11
N ASN A 124 2.03 12.30 -7.42
CA ASN A 124 2.65 13.60 -7.59
C ASN A 124 3.98 13.32 -8.26
N ASP A 125 4.76 14.37 -8.54
CA ASP A 125 6.01 14.16 -9.25
C ASP A 125 6.97 13.28 -8.44
N ASP A 126 7.02 13.45 -7.13
CA ASP A 126 7.93 12.64 -6.33
C ASP A 126 7.52 11.16 -6.35
N ILE A 127 6.23 10.88 -6.09
CA ILE A 127 5.78 9.50 -6.11
C ILE A 127 6.02 8.88 -7.48
N ASP A 128 5.69 9.63 -8.54
CA ASP A 128 5.86 9.10 -9.89
C ASP A 128 7.32 8.79 -10.18
N ALA A 129 8.24 9.64 -9.69
CA ALA A 129 9.66 9.37 -9.85
C ALA A 129 10.05 8.07 -9.17
N VAL A 130 9.59 7.87 -7.93
CA VAL A 130 9.94 6.63 -7.24
C VAL A 130 9.33 5.43 -7.97
N LEU A 131 8.05 5.51 -8.34
CA LEU A 131 7.41 4.37 -9.01
C LEU A 131 8.14 4.00 -10.30
N SER A 132 8.67 4.98 -11.03
CA SER A 132 9.41 4.66 -12.25
C SER A 132 10.64 3.76 -11.97
N SER A 133 11.26 3.90 -10.79
CA SER A 133 12.39 3.05 -10.42
CA SER A 133 12.39 3.04 -10.44
C SER A 133 11.97 1.65 -10.00
N LEU A 134 10.67 1.38 -9.92
CA LEU A 134 10.11 0.10 -9.52
C LEU A 134 9.47 -0.62 -10.69
N ARG A 135 9.78 -0.18 -11.92
CA ARG A 135 9.23 -0.78 -13.10
C ARG A 135 10.40 -1.29 -13.93
N PRO A 136 10.18 -2.16 -14.92
CA PRO A 136 11.26 -2.57 -15.82
C PRO A 136 11.88 -1.40 -16.57
N GLY A 137 13.17 -1.53 -16.87
CA GLY A 137 13.87 -0.44 -17.51
C GLY A 137 14.11 0.76 -16.62
N ALA A 138 14.10 0.58 -15.29
CA ALA A 138 14.38 1.67 -14.38
C ALA A 138 15.79 2.22 -14.60
N THR A 139 15.88 3.54 -14.74
CA THR A 139 17.18 4.17 -14.99
C THR A 139 18.03 4.27 -13.72
N GLN A 140 17.40 4.28 -12.55
CA GLN A 140 18.13 4.50 -11.30
C GLN A 140 17.42 3.74 -10.19
N PRO A 141 18.12 3.45 -9.09
CA PRO A 141 17.47 2.76 -7.97
C PRO A 141 16.52 3.71 -7.26
N PRO A 142 15.55 3.20 -6.50
CA PRO A 142 14.57 4.09 -5.89
C PRO A 142 15.26 5.11 -5.01
N ASP A 143 14.92 6.37 -5.23
CA ASP A 143 15.63 7.48 -4.61
C ASP A 143 15.26 7.56 -3.12
N PRO A 144 16.18 7.28 -2.21
CA PRO A 144 15.82 7.27 -0.79
C PRO A 144 15.44 8.64 -0.24
N THR A 145 15.99 9.71 -0.80
CA THR A 145 15.59 11.06 -0.36
C THR A 145 14.14 11.35 -0.70
N LEU A 146 13.70 10.99 -1.90
CA LEU A 146 12.31 11.20 -2.24
C LEU A 146 11.41 10.33 -1.38
N ILE A 147 11.79 9.06 -1.17
CA ILE A 147 10.96 8.20 -0.34
C ILE A 147 10.80 8.81 1.04
N ALA A 148 11.91 9.24 1.63
CA ALA A 148 11.86 9.88 2.94
C ALA A 148 10.99 11.12 2.91
N LYS A 149 11.09 11.93 1.84
CA LYS A 149 10.32 13.16 1.76
C LYS A 149 8.82 12.88 1.67
N ILE A 150 8.44 11.89 0.85
CA ILE A 150 7.03 11.55 0.71
C ILE A 150 6.44 11.24 2.07
N HIS A 151 7.10 10.38 2.83
CA HIS A 151 6.52 9.93 4.08
C HIS A 151 6.70 10.94 5.21
N ALA A 152 7.70 11.81 5.13
CA ALA A 152 7.86 12.77 6.22
C ALA A 152 6.91 13.93 6.09
N SER A 153 6.32 14.13 4.91
CA SER A 153 5.61 15.37 4.62
CA SER A 153 5.61 15.36 4.61
C SER A 153 4.12 15.15 4.44
N SER A 154 3.65 13.91 4.54
CA SER A 154 2.27 13.56 4.22
C SER A 154 1.37 13.56 5.45
N CYS A 155 0.08 13.70 5.18
CA CYS A 155 -1.02 13.37 6.10
C CYS A 155 -1.20 14.33 7.24
C1 EDO B . 2.44 4.05 10.44
O1 EDO B . 1.70 2.86 10.78
C2 EDO B . 1.55 5.06 9.70
O2 EDO B . 0.41 5.38 10.50
C1 EDO C . 12.27 15.42 -8.08
O1 EDO C . 12.10 16.76 -8.54
C2 EDO C . 11.18 14.51 -8.66
O2 EDO C . 9.89 15.06 -8.39
#